data_6FNM
#
_entry.id   6FNM
#
_cell.length_a   45.941
_cell.length_b   54.111
_cell.length_c   62.162
_cell.angle_alpha   90.00
_cell.angle_beta   110.45
_cell.angle_gamma   90.00
#
_symmetry.space_group_name_H-M   'P 1 21 1'
#
loop_
_entity.id
_entity.type
_entity.pdbx_description
1 polymer 'Ephrin type-B receptor 4'
2 non-polymer N-(2-CHLORO-6-METHYLPHENYL)-2-({6-[4-(2-HYDROXYETHYL)PIPERAZIN-1-YL]-2-METHYLPYRIMIDIN-4-YL}AMINO)-1,3-THIAZOLE-5-CARBOXAMIDE
3 water water
#
_entity_poly.entity_id   1
_entity_poly.type   'polypeptide(L)'
_entity_poly.pdbx_seq_one_letter_code
;GMDPNEAVREFAKEIDVSYVKIEEVIGAGEFGEVCRGRLKAPGKKESCVAIKTLKGGYTERQRREFLSEASIMGQFEHPN
IIRLEGVVTNSMPVMILTEFMENGALDSFLRLNDGQFTVIQLVGMLRGIASGMRYLAEMSYVHRDLAARNILVNSNLVCK
VSDFGLSRFLEENSSDPTETSSLGGKIPIRWTAPEAIAFRKFTSASDVWSYGIVMWEVMSFGERPYWDMSNQDVINAIEQ
DYRLPPPPDCPTSLHQLMLDCWQKDRNARPRFPQIVSALDKMIRNPASLKIVARENG
;
_entity_poly.pdbx_strand_id   A
#
# COMPACT_ATOMS: atom_id res chain seq x y z
N LYS A 13 -2.68 -17.98 -14.13
CA LYS A 13 -3.53 -17.95 -15.30
C LYS A 13 -2.79 -17.40 -16.48
N GLU A 14 -2.39 -18.27 -17.38
CA GLU A 14 -1.58 -17.91 -18.54
C GLU A 14 -2.45 -17.22 -19.58
N ILE A 15 -2.00 -16.08 -20.07
CA ILE A 15 -2.72 -15.26 -21.05
C ILE A 15 -1.99 -15.38 -22.39
N ASP A 16 -2.75 -15.72 -23.43
CA ASP A 16 -2.21 -15.72 -24.78
C ASP A 16 -1.68 -14.33 -25.12
N VAL A 17 -0.45 -14.27 -25.63
CA VAL A 17 0.20 -12.99 -25.97
C VAL A 17 -0.66 -12.18 -26.93
N SER A 18 -1.39 -12.85 -27.83
CA SER A 18 -2.18 -12.12 -28.82
C SER A 18 -3.36 -11.38 -28.20
N TYR A 19 -3.68 -11.65 -26.94
CA TYR A 19 -4.77 -10.94 -26.27
C TYR A 19 -4.33 -9.62 -25.65
N VAL A 20 -3.04 -9.31 -25.72
CA VAL A 20 -2.44 -8.20 -24.97
C VAL A 20 -1.91 -7.14 -25.93
N LYS A 21 -2.35 -5.89 -25.73
CA LYS A 21 -1.86 -4.71 -26.45
C LYS A 21 -1.21 -3.75 -25.45
N ILE A 22 0.08 -3.47 -25.62
CA ILE A 22 0.76 -2.44 -24.81
C ILE A 22 0.58 -1.10 -25.50
N GLU A 23 0.08 -0.11 -24.76
CA GLU A 23 -0.22 1.21 -25.29
C GLU A 23 0.84 2.27 -24.97
N GLU A 24 1.36 2.29 -23.74
CA GLU A 24 2.24 3.38 -23.31
C GLU A 24 3.02 2.91 -22.09
N VAL A 25 4.30 3.29 -22.03
CA VAL A 25 5.09 3.12 -20.80
C VAL A 25 4.75 4.25 -19.85
N ILE A 26 4.34 3.89 -18.64
CA ILE A 26 3.87 4.86 -17.65
C ILE A 26 4.70 4.92 -16.39
N GLY A 27 5.66 4.01 -16.20
CA GLY A 27 6.48 4.07 -15.00
C GLY A 27 7.64 3.11 -15.09
N ALA A 28 8.41 3.07 -14.00
CA ALA A 28 9.55 2.16 -13.88
C ALA A 28 9.37 1.34 -12.60
N GLY A 29 9.52 0.02 -12.73
CA GLY A 29 9.44 -0.88 -11.59
C GLY A 29 10.79 -1.49 -11.25
N GLU A 30 10.74 -2.43 -10.30
CA GLU A 30 11.96 -3.05 -9.80
C GLU A 30 12.70 -3.83 -10.88
N PHE A 31 11.97 -4.46 -11.80
CA PHE A 31 12.57 -5.34 -12.79
C PHE A 31 12.45 -4.83 -14.22
N GLY A 32 11.84 -3.67 -14.43
CA GLY A 32 11.64 -3.18 -15.79
C GLY A 32 10.50 -2.17 -15.84
N GLU A 33 9.87 -2.10 -17.02
CA GLU A 33 8.88 -1.07 -17.28
C GLU A 33 7.52 -1.42 -16.69
N VAL A 34 6.74 -0.38 -16.42
CA VAL A 34 5.32 -0.50 -16.09
C VAL A 34 4.55 0.22 -17.20
N CYS A 35 3.52 -0.44 -17.73
CA CYS A 35 2.82 0.01 -18.92
C CYS A 35 1.32 0.01 -18.69
N ARG A 36 0.62 0.83 -19.48
CA ARG A 36 -0.83 0.75 -19.65
C ARG A 36 -1.14 0.02 -20.96
N GLY A 37 -2.17 -0.82 -20.94
CA GLY A 37 -2.53 -1.54 -22.14
C GLY A 37 -3.97 -2.02 -22.11
N ARG A 38 -4.27 -2.92 -23.05
N ARG A 38 -4.29 -2.90 -23.06
CA ARG A 38 -5.62 -3.45 -23.24
CA ARG A 38 -5.63 -3.45 -23.20
C ARG A 38 -5.55 -4.98 -23.30
C ARG A 38 -5.56 -4.97 -23.30
N LEU A 39 -6.54 -5.63 -22.70
CA LEU A 39 -6.67 -7.08 -22.69
C LEU A 39 -8.00 -7.45 -23.31
N LYS A 40 -7.98 -8.29 -24.37
CA LYS A 40 -9.19 -8.73 -25.05
C LYS A 40 -9.09 -10.23 -25.26
N ALA A 41 -9.92 -10.99 -24.54
CA ALA A 41 -9.97 -12.44 -24.57
C ALA A 41 -11.29 -12.93 -25.15
N PRO A 42 -11.29 -14.08 -25.81
CA PRO A 42 -12.53 -14.56 -26.46
C PRO A 42 -13.68 -14.67 -25.45
N GLY A 43 -14.83 -14.12 -25.83
CA GLY A 43 -16.01 -14.15 -25.01
C GLY A 43 -16.12 -13.06 -23.96
N LYS A 44 -15.12 -12.18 -23.85
CA LYS A 44 -15.09 -11.16 -22.83
C LYS A 44 -14.83 -9.80 -23.47
N LYS A 45 -15.45 -8.76 -22.91
CA LYS A 45 -15.21 -7.43 -23.45
C LYS A 45 -13.81 -6.95 -23.10
N GLU A 46 -13.29 -6.06 -23.94
CA GLU A 46 -11.95 -5.52 -23.73
C GLU A 46 -11.87 -4.76 -22.41
N SER A 47 -10.74 -4.87 -21.73
CA SER A 47 -10.54 -4.17 -20.47
C SER A 47 -9.18 -3.48 -20.46
N CYS A 48 -9.05 -2.48 -19.61
N CYS A 48 -9.07 -2.44 -19.63
CA CYS A 48 -7.80 -1.76 -19.45
CA CYS A 48 -7.80 -1.77 -19.43
C CYS A 48 -6.97 -2.43 -18.36
C CYS A 48 -6.98 -2.55 -18.41
N VAL A 49 -5.68 -2.62 -18.64
CA VAL A 49 -4.78 -3.32 -17.72
C VAL A 49 -3.50 -2.52 -17.51
N ALA A 50 -2.87 -2.72 -16.35
CA ALA A 50 -1.47 -2.41 -16.15
C ALA A 50 -0.64 -3.65 -16.46
N ILE A 51 0.55 -3.43 -17.00
CA ILE A 51 1.43 -4.50 -17.46
C ILE A 51 2.85 -4.22 -16.96
N LYS A 52 3.43 -5.19 -16.25
CA LYS A 52 4.86 -5.17 -15.97
C LYS A 52 5.54 -6.18 -16.88
N THR A 53 6.68 -5.78 -17.46
CA THR A 53 7.44 -6.66 -18.33
C THR A 53 8.82 -6.95 -17.75
N LEU A 54 9.31 -8.15 -18.04
CA LEU A 54 10.67 -8.56 -17.70
C LEU A 54 11.36 -8.94 -19.01
N LYS A 55 12.32 -8.14 -19.44
CA LYS A 55 12.99 -8.33 -20.72
C LYS A 55 14.32 -9.03 -20.45
N GLY A 56 14.81 -9.74 -21.48
CA GLY A 56 16.03 -10.52 -21.43
C GLY A 56 17.20 -9.85 -20.74
N GLY A 57 18.13 -10.67 -20.25
CA GLY A 57 19.27 -10.19 -19.50
C GLY A 57 19.14 -10.31 -17.99
N TYR A 58 18.29 -11.21 -17.50
CA TYR A 58 18.05 -11.41 -16.08
C TYR A 58 18.40 -12.83 -15.70
N THR A 59 18.73 -13.03 -14.43
CA THR A 59 19.01 -14.37 -13.95
C THR A 59 17.70 -15.14 -13.75
N GLU A 60 17.81 -16.47 -13.79
CA GLU A 60 16.64 -17.30 -13.50
C GLU A 60 16.08 -17.00 -12.10
N ARG A 61 16.96 -16.67 -11.14
CA ARG A 61 16.46 -16.25 -9.82
C ARG A 61 15.63 -14.98 -9.90
N GLN A 62 16.03 -14.03 -10.74
CA GLN A 62 15.27 -12.80 -10.89
C GLN A 62 13.89 -13.07 -11.48
N ARG A 63 13.80 -14.02 -12.41
N ARG A 63 13.80 -14.02 -12.41
CA ARG A 63 12.52 -14.35 -13.03
CA ARG A 63 12.52 -14.35 -13.03
C ARG A 63 11.52 -14.89 -12.00
C ARG A 63 11.53 -14.90 -12.01
N ARG A 64 12.02 -15.69 -11.06
CA ARG A 64 11.21 -16.26 -10.02
C ARG A 64 10.74 -15.21 -9.06
N GLU A 65 11.60 -14.29 -8.69
CA GLU A 65 11.20 -13.21 -7.78
C GLU A 65 10.15 -12.32 -8.43
N PHE A 66 10.34 -12.01 -9.71
CA PHE A 66 9.35 -11.23 -10.47
C PHE A 66 8.00 -11.91 -10.46
N LEU A 67 7.97 -13.20 -10.84
CA LEU A 67 6.71 -13.93 -10.94
C LEU A 67 6.11 -14.27 -9.59
N SER A 68 6.91 -14.33 -8.52
CA SER A 68 6.36 -14.60 -7.20
C SER A 68 5.29 -13.59 -6.80
N GLU A 69 5.43 -12.33 -7.24
CA GLU A 69 4.41 -11.34 -6.94
C GLU A 69 3.05 -11.72 -7.52
N ALA A 70 3.04 -12.29 -8.74
CA ALA A 70 1.79 -12.76 -9.33
C ALA A 70 1.23 -13.95 -8.57
N SER A 71 2.09 -14.89 -8.18
CA SER A 71 1.62 -16.05 -7.41
C SER A 71 0.91 -15.61 -6.14
N ILE A 72 1.48 -14.65 -5.41
CA ILE A 72 0.88 -14.21 -4.15
C ILE A 72 -0.39 -13.41 -4.40
N MET A 73 -0.32 -12.46 -5.35
N MET A 73 -0.32 -12.45 -5.34
CA MET A 73 -1.51 -11.66 -5.67
CA MET A 73 -1.50 -11.67 -5.68
C MET A 73 -2.68 -12.55 -6.08
C MET A 73 -2.67 -12.55 -6.07
N GLY A 74 -2.40 -13.63 -6.81
CA GLY A 74 -3.45 -14.52 -7.26
C GLY A 74 -4.15 -15.28 -6.15
N GLN A 75 -3.59 -15.28 -4.94
CA GLN A 75 -4.24 -15.93 -3.80
C GLN A 75 -5.36 -15.09 -3.22
N PHE A 76 -5.46 -13.82 -3.60
CA PHE A 76 -6.35 -12.88 -2.94
C PHE A 76 -7.48 -12.45 -3.87
N GLU A 77 -8.62 -12.08 -3.27
CA GLU A 77 -9.75 -11.53 -4.00
C GLU A 77 -10.50 -10.61 -3.04
N HIS A 78 -10.35 -9.29 -3.25
CA HIS A 78 -10.93 -8.31 -2.34
C HIS A 78 -10.94 -6.96 -3.04
N PRO A 79 -11.94 -6.12 -2.84
CA PRO A 79 -12.00 -4.85 -3.60
C PRO A 79 -10.91 -3.86 -3.26
N ASN A 80 -10.17 -4.03 -2.15
CA ASN A 80 -9.08 -3.12 -1.78
C ASN A 80 -7.72 -3.81 -1.87
N ILE A 81 -7.61 -4.88 -2.66
CA ILE A 81 -6.35 -5.56 -2.97
C ILE A 81 -6.24 -5.60 -4.49
N ILE A 82 -5.07 -5.20 -5.03
N ILE A 82 -5.07 -5.22 -5.03
CA ILE A 82 -4.87 -5.18 -6.48
CA ILE A 82 -4.89 -5.13 -6.47
C ILE A 82 -5.25 -6.54 -7.06
C ILE A 82 -5.15 -6.49 -7.12
N ARG A 83 -6.02 -6.51 -8.15
CA ARG A 83 -6.49 -7.75 -8.79
C ARG A 83 -5.58 -8.19 -9.94
N LEU A 84 -5.13 -9.45 -9.87
CA LEU A 84 -4.36 -10.08 -10.94
C LEU A 84 -5.26 -10.50 -12.09
N GLU A 85 -4.90 -10.11 -13.32
CA GLU A 85 -5.55 -10.65 -14.52
C GLU A 85 -4.87 -11.91 -15.03
N GLY A 86 -3.54 -11.95 -15.01
CA GLY A 86 -2.84 -13.15 -15.40
C GLY A 86 -1.40 -12.82 -15.73
N VAL A 87 -0.73 -13.82 -16.32
CA VAL A 87 0.70 -13.76 -16.62
C VAL A 87 0.94 -14.26 -18.04
N VAL A 88 2.08 -13.86 -18.58
CA VAL A 88 2.59 -14.40 -19.83
C VAL A 88 3.96 -14.97 -19.52
N THR A 89 4.09 -16.30 -19.55
CA THR A 89 5.33 -16.97 -19.21
C THR A 89 5.85 -17.92 -20.27
N ASN A 90 5.00 -18.42 -21.16
CA ASN A 90 5.43 -19.31 -22.25
C ASN A 90 5.99 -18.54 -23.43
N SER A 91 6.24 -17.26 -23.27
CA SER A 91 6.73 -16.42 -24.36
C SER A 91 7.56 -15.30 -23.77
N MET A 92 8.28 -14.60 -24.64
CA MET A 92 9.10 -13.48 -24.24
C MET A 92 8.58 -12.20 -24.89
N PRO A 93 8.53 -11.10 -24.12
CA PRO A 93 8.95 -11.00 -22.72
C PRO A 93 7.94 -11.56 -21.73
N VAL A 94 8.41 -11.88 -20.52
CA VAL A 94 7.51 -12.27 -19.45
C VAL A 94 6.70 -11.07 -19.00
N MET A 95 5.43 -11.30 -18.68
CA MET A 95 4.56 -10.22 -18.26
C MET A 95 3.64 -10.62 -17.12
N ILE A 96 3.29 -9.61 -16.32
CA ILE A 96 2.23 -9.72 -15.31
C ILE A 96 1.21 -8.62 -15.61
N LEU A 97 -0.07 -8.99 -15.64
CA LEU A 97 -1.16 -8.05 -15.92
C LEU A 97 -2.06 -7.93 -14.70
N THR A 98 -2.44 -6.69 -14.37
CA THR A 98 -3.41 -6.41 -13.30
C THR A 98 -4.45 -5.40 -13.79
N GLU A 99 -5.48 -5.19 -12.97
CA GLU A 99 -6.34 -4.03 -13.17
C GLU A 99 -5.51 -2.76 -13.26
N PHE A 100 -6.01 -1.78 -14.01
CA PHE A 100 -5.32 -0.51 -14.19
C PHE A 100 -5.85 0.52 -13.19
N MET A 101 -4.95 1.14 -12.44
CA MET A 101 -5.29 2.13 -11.41
C MET A 101 -4.92 3.51 -11.96
N GLU A 102 -5.95 4.28 -12.34
CA GLU A 102 -5.72 5.45 -13.18
C GLU A 102 -4.92 6.55 -12.48
N ASN A 103 -4.91 6.61 -11.14
CA ASN A 103 -4.25 7.69 -10.41
C ASN A 103 -2.90 7.29 -9.82
N GLY A 104 -2.46 6.05 -10.05
CA GLY A 104 -1.11 5.70 -9.64
C GLY A 104 -0.94 5.60 -8.13
N ALA A 105 0.29 5.85 -7.68
CA ALA A 105 0.64 5.70 -6.27
C ALA A 105 0.05 6.82 -5.42
N LEU A 106 -0.38 6.45 -4.21
CA LEU A 106 -1.11 7.37 -3.34
C LEU A 106 -0.24 8.55 -2.89
N ASP A 107 1.01 8.32 -2.53
CA ASP A 107 1.82 9.42 -2.00
C ASP A 107 2.02 10.54 -3.03
N SER A 108 2.39 10.17 -4.26
CA SER A 108 2.56 11.18 -5.29
C SER A 108 1.22 11.79 -5.73
N PHE A 109 0.15 10.99 -5.75
CA PHE A 109 -1.18 11.52 -6.07
C PHE A 109 -1.60 12.61 -5.08
N LEU A 110 -1.38 12.39 -3.77
CA LEU A 110 -1.71 13.39 -2.77
C LEU A 110 -0.83 14.63 -2.87
N ARG A 111 0.46 14.46 -3.17
CA ARG A 111 1.32 15.62 -3.31
C ARG A 111 0.88 16.50 -4.47
N LEU A 112 0.43 15.88 -5.56
CA LEU A 112 -0.08 16.61 -6.71
C LEU A 112 -1.35 17.37 -6.37
N ASN A 113 -2.07 16.91 -5.37
CA ASN A 113 -3.39 17.43 -5.01
C ASN A 113 -3.41 18.00 -3.60
N ASP A 114 -2.30 18.61 -3.18
CA ASP A 114 -2.12 19.06 -1.81
C ASP A 114 -3.25 20.00 -1.40
N GLY A 115 -3.92 19.67 -0.31
CA GLY A 115 -5.02 20.47 0.22
C GLY A 115 -6.31 20.43 -0.57
N GLN A 116 -6.44 19.55 -1.56
CA GLN A 116 -7.52 19.63 -2.53
C GLN A 116 -8.60 18.57 -2.33
N PHE A 117 -8.42 17.66 -1.38
CA PHE A 117 -9.46 16.70 -1.00
C PHE A 117 -9.88 16.99 0.44
N THR A 118 -11.16 16.74 0.75
CA THR A 118 -11.69 17.03 2.08
C THR A 118 -11.29 15.94 3.07
N VAL A 119 -11.45 16.26 4.36
CA VAL A 119 -11.19 15.28 5.41
C VAL A 119 -11.98 14.01 5.18
N ILE A 120 -13.25 14.13 4.80
CA ILE A 120 -14.08 12.93 4.62
C ILE A 120 -13.59 12.08 3.45
N GLN A 121 -13.10 12.72 2.38
CA GLN A 121 -12.48 11.95 1.30
C GLN A 121 -11.22 11.22 1.77
N LEU A 122 -10.37 11.90 2.54
CA LEU A 122 -9.16 11.28 3.04
C LEU A 122 -9.48 10.11 3.96
N VAL A 123 -10.50 10.26 4.81
CA VAL A 123 -10.92 9.15 5.68
C VAL A 123 -11.43 7.97 4.86
N GLY A 124 -12.14 8.25 3.77
CA GLY A 124 -12.58 7.16 2.90
C GLY A 124 -11.42 6.39 2.30
N MET A 125 -10.38 7.09 1.90
CA MET A 125 -9.17 6.44 1.40
C MET A 125 -8.55 5.55 2.48
N LEU A 126 -8.42 6.08 3.70
CA LEU A 126 -7.88 5.32 4.81
C LEU A 126 -8.73 4.11 5.13
N ARG A 127 -10.05 4.24 5.02
CA ARG A 127 -10.95 3.12 5.29
C ARG A 127 -10.73 1.99 4.28
N GLY A 128 -10.59 2.32 3.00
CA GLY A 128 -10.29 1.30 2.01
C GLY A 128 -8.99 0.57 2.28
N ILE A 129 -7.93 1.33 2.61
CA ILE A 129 -6.66 0.70 2.95
C ILE A 129 -6.81 -0.25 4.14
N ALA A 130 -7.51 0.23 5.19
CA ALA A 130 -7.70 -0.59 6.38
C ALA A 130 -8.52 -1.83 6.08
N SER A 131 -9.51 -1.74 5.18
CA SER A 131 -10.26 -2.93 4.79
C SER A 131 -9.38 -3.94 4.06
N GLY A 132 -8.52 -3.48 3.15
CA GLY A 132 -7.58 -4.39 2.53
C GLY A 132 -6.69 -5.08 3.55
N MET A 133 -6.20 -4.33 4.54
CA MET A 133 -5.34 -4.90 5.56
C MET A 133 -6.11 -5.85 6.49
N ARG A 134 -7.37 -5.51 6.80
CA ARG A 134 -8.20 -6.42 7.58
C ARG A 134 -8.30 -7.78 6.89
N TYR A 135 -8.47 -7.78 5.57
CA TYR A 135 -8.54 -9.01 4.78
C TYR A 135 -7.21 -9.76 4.82
N LEU A 136 -6.10 -9.05 4.60
CA LEU A 136 -4.80 -9.73 4.63
C LEU A 136 -4.51 -10.36 5.98
N ALA A 137 -4.80 -9.64 7.06
CA ALA A 137 -4.59 -10.19 8.41
C ALA A 137 -5.47 -11.41 8.64
N GLU A 138 -6.70 -11.39 8.14
CA GLU A 138 -7.57 -12.56 8.26
C GLU A 138 -7.03 -13.75 7.48
N MET A 139 -6.37 -13.51 6.34
CA MET A 139 -5.71 -14.54 5.54
C MET A 139 -4.33 -14.91 6.08
N SER A 140 -3.94 -14.39 7.25
CA SER A 140 -2.64 -14.67 7.85
C SER A 140 -1.46 -14.20 6.99
N TYR A 141 -1.65 -13.11 6.23
CA TYR A 141 -0.59 -12.54 5.40
C TYR A 141 -0.10 -11.27 6.07
N VAL A 142 1.20 -11.21 6.33
CA VAL A 142 1.86 -10.04 6.91
C VAL A 142 2.55 -9.29 5.77
N HIS A 143 2.22 -8.02 5.60
CA HIS A 143 2.68 -7.29 4.41
C HIS A 143 4.16 -6.90 4.52
N ARG A 144 4.54 -6.25 5.63
N ARG A 144 4.55 -6.27 5.63
CA ARG A 144 5.90 -5.87 5.98
CA ARG A 144 5.93 -5.89 5.95
C ARG A 144 6.40 -4.58 5.32
C ARG A 144 6.40 -4.59 5.31
N ASP A 145 5.72 -4.09 4.28
CA ASP A 145 6.13 -2.87 3.59
C ASP A 145 4.92 -1.96 3.33
N LEU A 146 4.04 -1.85 4.32
CA LEU A 146 2.86 -1.02 4.15
C LEU A 146 3.26 0.45 4.25
N ALA A 147 3.04 1.21 3.17
CA ALA A 147 3.49 2.59 3.01
C ALA A 147 2.65 3.20 1.89
N ALA A 148 2.45 4.52 1.92
CA ALA A 148 1.59 5.13 0.89
C ALA A 148 2.09 4.89 -0.53
N ARG A 149 3.41 4.79 -0.72
N ARG A 149 3.41 4.79 -0.72
CA ARG A 149 3.95 4.50 -2.05
CA ARG A 149 3.95 4.50 -2.05
C ARG A 149 3.50 3.14 -2.58
C ARG A 149 3.56 3.13 -2.56
N ASN A 150 3.08 2.23 -1.69
CA ASN A 150 2.60 0.91 -2.10
C ASN A 150 1.08 0.80 -2.14
N ILE A 151 0.36 1.92 -2.09
CA ILE A 151 -1.09 1.96 -2.27
C ILE A 151 -1.35 2.58 -3.63
N LEU A 152 -2.23 1.96 -4.42
CA LEU A 152 -2.61 2.47 -5.74
C LEU A 152 -4.04 3.00 -5.70
N VAL A 153 -4.34 3.99 -6.57
CA VAL A 153 -5.58 4.74 -6.50
C VAL A 153 -6.25 4.72 -7.87
N ASN A 154 -7.55 4.42 -7.92
CA ASN A 154 -8.28 4.43 -9.18
C ASN A 154 -9.03 5.76 -9.41
N SER A 155 -9.76 5.82 -10.54
N SER A 155 -9.75 5.84 -10.53
CA SER A 155 -10.44 7.06 -10.94
CA SER A 155 -10.41 7.08 -10.92
C SER A 155 -11.49 7.49 -9.92
C SER A 155 -11.52 7.48 -9.96
N ASN A 156 -12.08 6.54 -9.21
CA ASN A 156 -13.08 6.84 -8.20
C ASN A 156 -12.50 7.06 -6.81
N LEU A 157 -11.17 7.19 -6.71
CA LEU A 157 -10.43 7.39 -5.47
C LEU A 157 -10.38 6.15 -4.58
N VAL A 158 -10.76 4.97 -5.10
CA VAL A 158 -10.62 3.74 -4.33
C VAL A 158 -9.15 3.39 -4.22
N CYS A 159 -8.72 3.06 -2.98
CA CYS A 159 -7.34 2.76 -2.65
C CYS A 159 -7.18 1.26 -2.43
N LYS A 160 -6.11 0.71 -3.00
CA LYS A 160 -5.87 -0.74 -2.98
C LYS A 160 -4.43 -1.03 -2.61
N VAL A 161 -4.26 -2.04 -1.77
CA VAL A 161 -2.91 -2.46 -1.35
C VAL A 161 -2.22 -3.20 -2.48
N SER A 162 -0.93 -2.90 -2.68
CA SER A 162 -0.09 -3.56 -3.67
C SER A 162 1.20 -4.04 -3.02
N ASP A 163 2.15 -4.46 -3.86
CA ASP A 163 3.51 -4.84 -3.50
C ASP A 163 3.63 -6.11 -2.67
N PHE A 164 3.47 -7.27 -3.32
CA PHE A 164 3.37 -8.54 -2.63
C PHE A 164 4.61 -9.39 -2.88
N GLY A 165 5.08 -10.04 -1.82
CA GLY A 165 6.30 -10.83 -1.87
C GLY A 165 6.58 -11.43 -0.51
N LEU A 166 7.16 -12.64 -0.48
CA LEU A 166 7.43 -13.33 0.77
C LEU A 166 8.91 -13.45 1.06
N SER A 167 9.76 -12.85 0.24
CA SER A 167 11.21 -12.96 0.44
C SER A 167 11.63 -12.20 1.70
N ARG A 168 12.59 -12.73 2.43
CA ARG A 168 13.04 -12.10 3.64
C ARG A 168 13.74 -10.82 3.34
N PHE A 169 13.77 -9.92 4.31
CA PHE A 169 14.55 -8.70 4.18
C PHE A 169 16.04 -9.02 4.20
N LEU A 170 16.82 -8.09 3.64
CA LEU A 170 18.26 -8.28 3.52
C LEU A 170 18.89 -8.65 4.85
N GLU A 171 18.46 -8.00 5.94
CA GLU A 171 19.08 -8.21 7.23
C GLU A 171 18.72 -9.56 7.86
N GLU A 172 17.71 -10.24 7.34
CA GLU A 172 17.26 -11.51 7.93
C GLU A 172 18.13 -12.70 7.51
N GLY A 185 15.37 -6.71 -0.24
CA GLY A 185 15.45 -5.31 0.12
C GLY A 185 15.73 -5.09 1.60
N LYS A 186 16.08 -3.85 1.94
CA LYS A 186 16.34 -3.50 3.33
C LYS A 186 15.03 -3.20 4.07
N ILE A 187 15.08 -3.32 5.39
CA ILE A 187 13.91 -3.04 6.22
C ILE A 187 13.56 -1.56 6.10
N PRO A 188 12.29 -1.21 5.78
CA PRO A 188 11.92 0.21 5.64
C PRO A 188 11.70 0.90 6.99
N ILE A 189 12.79 1.48 7.52
CA ILE A 189 12.88 1.80 8.94
C ILE A 189 11.74 2.73 9.38
N ARG A 190 11.50 3.80 8.64
CA ARG A 190 10.51 4.79 9.01
C ARG A 190 9.07 4.27 9.13
N TRP A 191 8.79 3.16 8.45
CA TRP A 191 7.46 2.56 8.47
C TRP A 191 7.35 1.36 9.42
N THR A 192 8.46 0.95 10.06
CA THR A 192 8.52 -0.37 10.70
C THR A 192 8.41 -0.25 12.23
N ALA A 193 7.62 -1.14 12.83
CA ALA A 193 7.44 -1.15 14.27
C ALA A 193 8.77 -1.44 14.99
N PRO A 194 8.95 -0.90 16.21
CA PRO A 194 10.25 -1.04 16.89
C PRO A 194 10.63 -2.47 17.20
N GLU A 195 9.67 -3.34 17.52
CA GLU A 195 10.02 -4.73 17.78
C GLU A 195 10.36 -5.49 16.50
N ALA A 196 9.85 -5.03 15.36
CA ALA A 196 10.23 -5.65 14.09
C ALA A 196 11.64 -5.24 13.67
N ILE A 197 12.00 -3.97 13.91
CA ILE A 197 13.38 -3.54 13.68
C ILE A 197 14.34 -4.30 14.59
N ALA A 198 14.02 -4.34 15.90
CA ALA A 198 14.96 -4.88 16.88
C ALA A 198 15.08 -6.40 16.78
N PHE A 199 13.97 -7.11 16.57
CA PHE A 199 13.95 -8.56 16.68
C PHE A 199 13.55 -9.29 15.41
N ARG A 200 13.15 -8.58 14.36
CA ARG A 200 12.67 -9.18 13.11
C ARG A 200 11.39 -10.00 13.31
N LYS A 201 10.56 -9.63 14.27
CA LYS A 201 9.27 -10.27 14.48
C LYS A 201 8.23 -9.43 13.77
N PHE A 202 7.87 -9.84 12.55
CA PHE A 202 6.86 -9.16 11.74
C PHE A 202 5.53 -9.88 11.92
N THR A 203 4.50 -9.13 12.31
CA THR A 203 3.16 -9.66 12.58
C THR A 203 2.15 -8.67 12.04
N SER A 204 0.87 -9.06 12.09
CA SER A 204 -0.16 -8.10 11.74
C SER A 204 -0.11 -6.86 12.65
N ALA A 205 0.31 -7.04 13.92
CA ALA A 205 0.44 -5.89 14.82
C ALA A 205 1.57 -4.95 14.41
N SER A 206 2.65 -5.46 13.81
CA SER A 206 3.64 -4.55 13.23
C SER A 206 3.11 -3.87 11.97
N ASP A 207 2.26 -4.55 11.18
CA ASP A 207 1.60 -3.88 10.06
C ASP A 207 0.68 -2.77 10.56
N VAL A 208 0.09 -2.91 11.76
CA VAL A 208 -0.74 -1.83 12.31
C VAL A 208 0.09 -0.58 12.59
N TRP A 209 1.30 -0.74 13.14
CA TRP A 209 2.21 0.40 13.28
C TRP A 209 2.40 1.09 11.94
N SER A 210 2.74 0.32 10.89
CA SER A 210 2.92 0.88 9.56
C SER A 210 1.68 1.61 9.08
N TYR A 211 0.51 1.04 9.35
CA TYR A 211 -0.75 1.68 8.97
C TYR A 211 -0.89 3.05 9.62
N GLY A 212 -0.46 3.19 10.89
CA GLY A 212 -0.46 4.51 11.51
C GLY A 212 0.42 5.50 10.77
N ILE A 213 1.58 5.05 10.30
CA ILE A 213 2.43 5.90 9.47
C ILE A 213 1.70 6.30 8.18
N VAL A 214 1.02 5.34 7.51
CA VAL A 214 0.23 5.65 6.31
C VAL A 214 -0.84 6.69 6.61
N MET A 215 -1.54 6.57 7.74
CA MET A 215 -2.51 7.60 8.12
C MET A 215 -1.85 8.99 8.14
N TRP A 216 -0.65 9.09 8.73
CA TRP A 216 0.06 10.36 8.81
C TRP A 216 0.44 10.85 7.41
N GLU A 217 0.91 9.94 6.55
CA GLU A 217 1.19 10.31 5.16
C GLU A 217 -0.03 10.88 4.45
N VAL A 218 -1.20 10.26 4.65
CA VAL A 218 -2.41 10.69 3.96
C VAL A 218 -2.87 12.06 4.47
N MET A 219 -2.91 12.23 5.79
CA MET A 219 -3.38 13.48 6.35
C MET A 219 -2.41 14.64 6.13
N SER A 220 -1.16 14.35 5.81
N SER A 220 -1.16 14.34 5.80
CA SER A 220 -0.18 15.37 5.44
CA SER A 220 -0.15 15.33 5.44
C SER A 220 -0.02 15.52 3.93
C SER A 220 -0.04 15.55 3.94
N PHE A 221 -0.90 14.92 3.12
CA PHE A 221 -0.81 15.02 1.66
C PHE A 221 0.56 14.59 1.12
N GLY A 222 1.11 13.51 1.66
CA GLY A 222 2.31 12.93 1.09
C GLY A 222 3.63 13.48 1.59
N GLU A 223 3.68 14.05 2.78
N GLU A 223 3.67 14.06 2.78
CA GLU A 223 4.95 14.44 3.37
CA GLU A 223 4.95 14.42 3.38
C GLU A 223 5.74 13.19 3.78
C GLU A 223 5.75 13.16 3.74
N ARG A 224 7.07 13.32 3.80
CA ARG A 224 7.93 12.21 4.19
C ARG A 224 7.90 12.01 5.71
N PRO A 225 7.58 10.81 6.20
CA PRO A 225 7.60 10.58 7.65
C PRO A 225 8.95 10.93 8.25
N TYR A 226 8.93 11.72 9.33
CA TYR A 226 10.10 12.13 10.10
C TYR A 226 11.01 13.10 9.35
N TRP A 227 10.55 13.63 8.21
CA TRP A 227 11.28 14.65 7.47
C TRP A 227 12.73 14.23 7.23
N ASP A 228 13.69 15.05 7.66
CA ASP A 228 15.10 14.84 7.33
C ASP A 228 15.87 14.01 8.36
N MET A 229 15.18 13.37 9.31
CA MET A 229 15.85 12.55 10.30
C MET A 229 16.47 11.31 9.66
N SER A 230 17.63 10.92 10.15
CA SER A 230 18.26 9.69 9.68
C SER A 230 17.52 8.48 10.24
N ASN A 231 17.79 7.32 9.63
CA ASN A 231 17.19 6.07 10.11
C ASN A 231 17.53 5.81 11.57
N GLN A 232 18.79 6.00 11.96
CA GLN A 232 19.16 5.79 13.34
C GLN A 232 18.53 6.84 14.26
N ASP A 233 18.38 8.08 13.76
CA ASP A 233 17.69 9.10 14.55
C ASP A 233 16.23 8.71 14.82
N VAL A 234 15.57 8.12 13.84
CA VAL A 234 14.18 7.69 14.00
C VAL A 234 14.08 6.57 15.04
N ILE A 235 14.97 5.57 14.93
CA ILE A 235 14.98 4.46 15.88
C ILE A 235 15.14 4.97 17.31
N ASN A 236 16.10 5.86 17.52
CA ASN A 236 16.37 6.37 18.86
C ASN A 236 15.20 7.22 19.37
N ALA A 237 14.63 8.06 18.49
CA ALA A 237 13.54 8.93 18.91
C ALA A 237 12.32 8.13 19.38
N ILE A 238 11.92 7.11 18.59
CA ILE A 238 10.80 6.26 18.96
C ILE A 238 11.05 5.58 20.31
N GLU A 239 12.26 5.07 20.53
CA GLU A 239 12.59 4.46 21.82
C GLU A 239 12.54 5.47 22.94
N GLN A 240 12.81 6.73 22.65
CA GLN A 240 12.75 7.80 23.62
C GLN A 240 11.40 8.52 23.62
N ASP A 241 10.34 7.86 23.15
CA ASP A 241 8.94 8.24 23.31
C ASP A 241 8.45 9.31 22.33
N TYR A 242 9.28 9.73 21.38
CA TYR A 242 8.82 10.67 20.36
C TYR A 242 7.81 9.99 19.44
N ARG A 243 6.76 10.73 19.06
CA ARG A 243 5.83 10.30 18.03
C ARG A 243 5.52 11.48 17.12
N LEU A 244 5.23 11.18 15.85
CA LEU A 244 4.96 12.24 14.89
C LEU A 244 3.77 13.09 15.34
N PRO A 245 3.82 14.41 15.12
CA PRO A 245 2.74 15.30 15.59
C PRO A 245 1.59 15.30 14.60
N PRO A 246 0.44 15.87 14.96
CA PRO A 246 -0.68 15.92 14.02
C PRO A 246 -0.33 16.78 12.82
N PRO A 247 -0.64 16.32 11.62
CA PRO A 247 -0.42 17.15 10.43
C PRO A 247 -1.30 18.40 10.48
N PRO A 248 -0.95 19.44 9.74
CA PRO A 248 -1.82 20.62 9.66
C PRO A 248 -3.26 20.23 9.35
N ASP A 249 -4.20 20.79 10.10
CA ASP A 249 -5.63 20.63 9.93
C ASP A 249 -6.13 19.22 10.23
N CYS A 250 -5.31 18.36 10.82
CA CYS A 250 -5.74 16.99 11.03
C CYS A 250 -6.69 16.91 12.22
N PRO A 251 -7.87 16.30 12.08
CA PRO A 251 -8.74 16.07 13.24
C PRO A 251 -8.01 15.34 14.35
N THR A 252 -8.21 15.80 15.59
CA THR A 252 -7.55 15.21 16.74
C THR A 252 -7.88 13.73 16.87
N SER A 253 -9.12 13.34 16.56
CA SER A 253 -9.50 11.92 16.67
C SER A 253 -8.68 11.05 15.72
N LEU A 254 -8.32 11.56 14.54
CA LEU A 254 -7.45 10.79 13.64
C LEU A 254 -6.02 10.70 14.17
N HIS A 255 -5.50 11.78 14.77
CA HIS A 255 -4.17 11.71 15.35
C HIS A 255 -4.14 10.76 16.55
N GLN A 256 -5.21 10.72 17.34
CA GLN A 256 -5.25 9.79 18.46
C GLN A 256 -5.22 8.35 17.97
N LEU A 257 -5.93 8.06 16.87
CA LEU A 257 -5.88 6.72 16.28
C LEU A 257 -4.46 6.37 15.81
N MET A 258 -3.75 7.35 15.21
CA MET A 258 -2.33 7.14 14.92
C MET A 258 -1.54 6.76 16.16
N LEU A 259 -1.73 7.52 17.26
CA LEU A 259 -0.98 7.24 18.50
C LEU A 259 -1.30 5.85 19.04
N ASP A 260 -2.55 5.41 18.88
CA ASP A 260 -2.92 4.05 19.29
C ASP A 260 -2.16 3.00 18.47
N CYS A 261 -2.05 3.22 17.14
CA CYS A 261 -1.28 2.32 16.30
C CYS A 261 0.20 2.30 16.67
N TRP A 262 0.70 3.38 17.29
CA TRP A 262 2.12 3.51 17.62
C TRP A 262 2.44 3.20 19.09
N GLN A 263 1.61 2.41 19.76
N GLN A 263 1.60 2.41 19.76
CA GLN A 263 1.97 1.99 21.10
CA GLN A 263 1.97 1.97 21.10
C GLN A 263 3.16 1.04 21.05
C GLN A 263 3.17 1.05 21.03
N LYS A 264 4.11 1.23 21.97
CA LYS A 264 5.30 0.39 21.96
C LYS A 264 4.95 -1.08 22.21
N ASP A 265 4.02 -1.34 23.11
CA ASP A 265 3.56 -2.70 23.37
C ASP A 265 2.66 -3.13 22.21
N ARG A 266 3.13 -4.09 21.41
CA ARG A 266 2.38 -4.49 20.22
C ARG A 266 1.01 -5.03 20.58
N ASN A 267 0.86 -5.62 21.77
CA ASN A 267 -0.41 -6.23 22.15
C ASN A 267 -1.45 -5.20 22.53
N ALA A 268 -1.05 -3.95 22.77
CA ALA A 268 -1.98 -2.88 23.10
C ALA A 268 -2.52 -2.16 21.86
N ARG A 269 -1.89 -2.33 20.70
CA ARG A 269 -2.36 -1.70 19.47
C ARG A 269 -3.73 -2.26 19.07
N PRO A 270 -4.59 -1.44 18.46
CA PRO A 270 -5.82 -2.01 17.88
C PRO A 270 -5.50 -2.97 16.76
N ARG A 271 -6.40 -3.90 16.52
CA ARG A 271 -6.33 -4.84 15.41
C ARG A 271 -7.09 -4.23 14.20
N PHE A 272 -6.83 -4.72 13.00
CA PHE A 272 -7.46 -4.12 11.82
C PHE A 272 -8.98 -4.06 11.84
N PRO A 273 -9.71 -5.08 12.34
CA PRO A 273 -11.18 -4.90 12.41
C PRO A 273 -11.59 -3.71 13.26
N GLN A 274 -10.90 -3.46 14.38
CA GLN A 274 -11.18 -2.30 15.23
C GLN A 274 -10.87 -0.99 14.51
N ILE A 275 -9.81 -0.96 13.72
CA ILE A 275 -9.45 0.24 12.95
C ILE A 275 -10.54 0.57 11.94
N VAL A 276 -10.99 -0.43 11.17
CA VAL A 276 -12.07 -0.19 10.21
C VAL A 276 -13.31 0.34 10.92
N SER A 277 -13.66 -0.26 12.07
N SER A 277 -13.65 -0.25 12.08
CA SER A 277 -14.82 0.18 12.83
CA SER A 277 -14.84 0.18 12.81
C SER A 277 -14.70 1.64 13.26
C SER A 277 -14.71 1.62 13.31
N ALA A 278 -13.52 2.02 13.75
CA ALA A 278 -13.32 3.40 14.17
C ALA A 278 -13.48 4.38 13.00
N LEU A 279 -12.96 4.03 11.83
CA LEU A 279 -13.11 4.91 10.66
C LEU A 279 -14.56 4.97 10.20
N ASP A 280 -15.27 3.84 10.23
CA ASP A 280 -16.68 3.85 9.86
C ASP A 280 -17.49 4.77 10.76
N LYS A 281 -17.16 4.81 12.05
CA LYS A 281 -17.85 5.70 12.98
C LYS A 281 -17.61 7.16 12.65
N MET A 282 -16.37 7.51 12.28
CA MET A 282 -16.07 8.88 11.88
C MET A 282 -16.87 9.28 10.65
N ILE A 283 -16.96 8.38 9.66
CA ILE A 283 -17.68 8.68 8.43
C ILE A 283 -19.15 8.93 8.71
N ARG A 284 -19.71 8.20 9.67
CA ARG A 284 -21.12 8.31 10.00
C ARG A 284 -21.42 9.47 10.92
N ASN A 285 -20.44 9.94 11.68
N ASN A 285 -20.44 9.94 11.69
CA ASN A 285 -20.59 11.07 12.58
CA ASN A 285 -20.60 11.08 12.58
C ASN A 285 -19.50 12.09 12.26
C ASN A 285 -19.50 12.09 12.25
N PRO A 286 -19.59 12.75 11.08
CA PRO A 286 -18.49 13.63 10.67
C PRO A 286 -18.30 14.85 11.56
N ALA A 287 -19.29 15.22 12.36
CA ALA A 287 -19.10 16.33 13.29
C ALA A 287 -17.97 16.06 14.28
N SER A 288 -17.63 14.79 14.53
CA SER A 288 -16.55 14.47 15.45
C SER A 288 -15.18 14.83 14.89
N LEU A 289 -15.06 15.01 13.58
CA LEU A 289 -13.79 15.36 12.96
C LEU A 289 -13.50 16.85 13.00
N LYS A 290 -14.39 17.67 13.55
CA LYS A 290 -14.16 19.11 13.56
C LYS A 290 -13.12 19.60 14.57
N ILE A 291 -12.90 18.87 15.64
CA ILE A 291 -11.91 19.27 16.64
C ILE A 291 -10.51 19.08 16.05
N VAL A 292 -9.74 20.17 15.99
CA VAL A 292 -8.37 20.19 15.51
C VAL A 292 -7.54 20.96 16.55
N ALA A 293 -6.28 20.55 16.70
CA ALA A 293 -5.39 21.22 17.65
C ALA A 293 -5.20 22.68 17.28
N ARG A 294 -4.91 23.51 18.27
CA ARG A 294 -4.69 24.93 18.06
C ARG A 294 -3.21 25.28 18.13
#